data_3O9J
#
_entry.id   3O9J
#
_cell.length_a   90.580
_cell.length_b   90.580
_cell.length_c   109.500
_cell.angle_alpha   90.00
_cell.angle_beta   90.00
_cell.angle_gamma   90.00
#
_symmetry.space_group_name_H-M   'I 4'
#
loop_
_entity.id
_entity.type
_entity.pdbx_description
1 polymer Neuraminidase
2 non-polymer '5-acetamido-2,6-anhydro-3,5-dideoxy-3-prop-2-en-1-yl-D-glycero-D-galacto-non-2-enonic acid'
3 non-polymer 'CALCIUM ION'
4 non-polymer 2-acetamido-2-deoxy-alpha-D-glucopyranose
5 water water
#
_entity_poly.entity_id   1
_entity_poly.type   'polypeptide(L)'
_entity_poly.pdbx_seq_one_letter_code
;TYMNNTEAICDAKGFAPFSKDNGIRIGSRGHIFVIREPFVSCSPIECRTFFLTQGSLLNDKHSNGTVKDRSPFRTLMSVE
VGQSPNVYQARFEAVAWSATACHDGKKWMTVGVTGPDSKAVAVIHYGGVPTDVVNSWAGDILRTQESSCTCIQGDCYWVM
TDGPANRQAQYRIYKANQGRIIGQTDISFNGGHIEECSCYPNDGKVECVCRDNWTGTNRPVLVISPDLSYRVGYLCAGIP
SDTPRGEDTQFTGSCTSPMGNQGYGVKGFGFRQGTDVWMGRTISRTSRSGFEILRIKNGWTQTSKEQIRKQVVVDNLNWS
GYSGSFTLPVELSGKDCLVPCFWVEMIRGKPEEKTIWTSSSSIVMCGVDYEVADWSWHDGAILPFDI
;
_entity_poly.pdbx_strand_id   A
#
loop_
_chem_comp.id
_chem_comp.type
_chem_comp.name
_chem_comp.formula
CA non-polymer 'CALCIUM ION' 'Ca 2'
NDG D-saccharide, alpha linking 2-acetamido-2-deoxy-alpha-D-glucopyranose 'C8 H15 N O6'
RP6 D-saccharide '5-acetamido-2,6-anhydro-3,5-dideoxy-3-prop-2-en-1-yl-D-glycero-D-galacto-non-2-enonic acid' 'C14 H21 N O8'
#
# COMPACT_ATOMS: atom_id res chain seq x y z
N THR A 1 16.91 19.09 5.76
CA THR A 1 16.22 19.81 4.64
C THR A 1 15.01 19.01 4.23
N TYR A 2 13.87 19.69 4.16
CA TYR A 2 12.63 19.10 3.66
C TYR A 2 12.77 18.74 2.18
N MET A 3 12.30 17.54 1.84
CA MET A 3 12.11 17.26 0.42
C MET A 3 11.09 18.20 -0.30
N ASN A 4 11.46 18.56 -1.53
CA ASN A 4 10.50 18.94 -2.56
C ASN A 4 10.24 17.67 -3.36
N ASN A 5 8.99 17.26 -3.23
CA ASN A 5 8.42 16.20 -3.99
C ASN A 5 7.28 16.98 -4.68
N THR A 6 7.67 18.04 -5.42
CA THR A 6 6.77 18.81 -6.27
C THR A 6 6.86 18.41 -7.75
N GLU A 7 7.82 17.58 -8.10
CA GLU A 7 8.03 17.22 -9.50
C GLU A 7 6.87 16.35 -10.06
N ALA A 8 6.87 16.18 -11.37
CA ALA A 8 5.95 15.26 -12.05
C ALA A 8 6.49 13.85 -11.83
N ILE A 9 5.61 12.90 -11.66
CA ILE A 9 6.02 11.49 -11.74
C ILE A 9 6.71 11.15 -13.09
N CYS A 10 7.81 10.36 -13.07
CA CYS A 10 8.46 9.93 -14.32
C CYS A 10 7.58 9.10 -15.17
N ASP A 11 7.53 9.44 -16.47
CA ASP A 11 6.96 8.57 -17.49
C ASP A 11 7.81 7.28 -17.63
N ALA A 12 7.19 6.10 -17.55
CA ALA A 12 8.01 4.89 -17.62
C ALA A 12 7.46 3.79 -18.48
N LYS A 13 8.33 3.03 -19.12
CA LYS A 13 7.86 1.98 -20.02
C LYS A 13 7.79 0.61 -19.35
N GLY A 14 8.30 0.51 -18.12
CA GLY A 14 8.36 -0.75 -17.42
C GLY A 14 9.04 -0.57 -16.08
N PHE A 15 9.23 -1.66 -15.39
CA PHE A 15 9.59 -1.63 -14.01
C PHE A 15 10.70 -2.67 -13.76
N ALA A 16 11.77 -2.22 -13.13
CA ALA A 16 12.93 -3.07 -12.87
C ALA A 16 12.86 -3.59 -11.46
N PRO A 17 13.24 -4.88 -11.23
CA PRO A 17 13.29 -5.37 -9.82
C PRO A 17 14.30 -4.54 -8.97
N PHE A 18 13.83 -4.03 -7.83
CA PHE A 18 14.64 -3.20 -6.87
C PHE A 18 15.24 -4.15 -5.85
N SER A 19 14.33 -4.89 -5.19
CA SER A 19 14.65 -5.75 -4.04
C SER A 19 13.75 -7.00 -3.82
N LYS A 20 14.32 -8.03 -3.23
CA LYS A 20 13.55 -9.23 -2.81
C LYS A 20 14.15 -9.71 -1.48
N ASP A 21 13.34 -9.75 -0.44
CA ASP A 21 13.86 -10.06 0.90
C ASP A 21 13.93 -11.60 1.22
N ASN A 22 13.18 -12.44 0.52
CA ASN A 22 13.16 -13.94 0.85
C ASN A 22 12.99 -14.26 2.34
N GLY A 23 12.12 -13.55 3.04
CA GLY A 23 12.11 -13.65 4.49
C GLY A 23 11.53 -14.97 5.03
N ILE A 24 10.69 -15.61 4.23
CA ILE A 24 10.02 -16.87 4.67
C ILE A 24 10.93 -18.09 4.42
N ARG A 25 11.51 -18.16 3.24
CA ARG A 25 12.67 -18.98 3.05
C ARG A 25 13.69 -18.85 4.23
N ILE A 26 14.12 -17.62 4.52
CA ILE A 26 15.14 -17.44 5.55
C ILE A 26 14.67 -17.86 6.94
N GLY A 27 13.36 -17.71 7.19
CA GLY A 27 12.82 -17.81 8.52
C GLY A 27 12.48 -19.26 8.83
N SER A 28 12.70 -20.13 7.88
CA SER A 28 12.73 -21.56 8.12
C SER A 28 13.80 -21.90 9.13
N ARG A 29 14.79 -21.02 9.28
CA ARG A 29 15.89 -21.30 10.18
C ARG A 29 16.27 -20.07 11.00
N GLY A 30 16.34 -18.92 10.29
CA GLY A 30 16.65 -17.62 10.90
C GLY A 30 15.54 -17.12 11.86
N HIS A 31 15.73 -15.93 12.43
CA HIS A 31 14.71 -15.43 13.37
C HIS A 31 13.99 -14.30 12.72
N ILE A 32 12.88 -14.66 12.09
CA ILE A 32 12.22 -13.82 11.15
C ILE A 32 10.80 -13.51 11.70
N PHE A 33 10.42 -12.25 11.77
CA PHE A 33 9.06 -11.99 12.30
C PHE A 33 8.06 -12.47 11.32
N VAL A 34 6.98 -13.06 11.85
CA VAL A 34 5.73 -13.25 11.10
C VAL A 34 5.20 -11.86 10.78
N ILE A 35 5.04 -11.60 9.48
CA ILE A 35 4.66 -10.24 9.09
C ILE A 35 3.44 -10.15 8.17
N ARG A 36 2.91 -8.93 8.02
CA ARG A 36 2.06 -8.63 6.94
C ARG A 36 2.46 -7.23 6.52
N GLU A 37 1.94 -6.87 5.33
CA GLU A 37 2.08 -5.61 4.66
C GLU A 37 3.48 -5.06 4.65
N PRO A 38 4.40 -5.65 3.82
CA PRO A 38 5.80 -5.23 3.79
C PRO A 38 6.00 -4.01 2.92
N PHE A 39 5.46 -2.88 3.38
CA PHE A 39 5.38 -1.67 2.57
C PHE A 39 6.67 -0.81 2.55
N VAL A 40 6.86 -0.02 1.48
CA VAL A 40 8.11 0.65 1.31
C VAL A 40 7.86 2.13 1.25
N SER A 41 8.77 2.89 1.87
CA SER A 41 8.86 4.41 1.87
C SER A 41 10.33 4.80 2.00
N CYS A 42 10.70 6.00 1.49
CA CYS A 42 12.08 6.42 1.32
C CYS A 42 12.28 7.82 1.86
N SER A 43 13.36 7.97 2.64
CA SER A 43 14.02 9.25 2.96
C SER A 43 15.01 9.61 1.85
N PRO A 44 15.67 10.78 1.96
CA PRO A 44 16.67 11.17 0.98
C PRO A 44 17.98 10.35 1.01
N ILE A 45 18.05 9.36 1.87
CA ILE A 45 19.30 8.59 2.09
C ILE A 45 19.04 7.09 1.89
N GLU A 46 17.84 6.65 2.14
CA GLU A 46 17.47 5.21 1.95
C GLU A 46 15.96 4.91 1.93
N CYS A 47 15.63 3.70 1.47
CA CYS A 47 14.27 3.24 1.36
C CYS A 47 14.17 2.13 2.38
N ARG A 48 13.09 2.13 3.18
CA ARG A 48 12.93 1.11 4.22
C ARG A 48 11.68 0.29 3.98
N THR A 49 11.70 -0.99 4.39
CA THR A 49 10.42 -1.77 4.34
C THR A 49 9.72 -1.73 5.69
N PHE A 50 8.50 -1.19 5.76
CA PHE A 50 7.73 -1.29 6.99
C PHE A 50 6.81 -2.51 6.97
N PHE A 51 6.46 -2.98 8.15
CA PHE A 51 5.70 -4.22 8.28
C PHE A 51 5.05 -4.29 9.65
N LEU A 52 4.02 -5.09 9.76
CA LEU A 52 3.46 -5.33 11.09
C LEU A 52 3.85 -6.72 11.53
N THR A 53 4.01 -6.88 12.83
CA THR A 53 4.40 -8.11 13.45
C THR A 53 3.42 -8.25 14.59
N GLN A 54 3.20 -9.48 15.01
CA GLN A 54 2.48 -9.76 16.22
C GLN A 54 3.47 -10.14 17.27
N GLY A 55 4.72 -9.67 17.16
CA GLY A 55 5.77 -10.11 18.07
C GLY A 55 6.14 -11.61 18.03
N SER A 56 5.71 -12.31 17.00
CA SER A 56 6.07 -13.72 16.89
C SER A 56 6.98 -14.06 15.72
N LEU A 57 7.79 -15.08 15.89
CA LEU A 57 8.76 -15.57 14.90
C LEU A 57 8.29 -16.75 14.03
N LEU A 58 8.70 -16.80 12.77
CA LEU A 58 8.51 -17.98 11.94
C LEU A 58 9.07 -19.23 12.63
N ASN A 59 8.32 -20.31 12.54
CA ASN A 59 8.71 -21.59 13.14
C ASN A 59 8.63 -21.64 14.68
N ASP A 60 7.70 -20.91 15.27
CA ASP A 60 7.60 -20.88 16.72
C ASP A 60 6.13 -20.94 17.05
N LYS A 61 5.79 -21.72 18.08
CA LYS A 61 4.38 -21.89 18.51
C LYS A 61 3.61 -20.56 18.45
N HIS A 62 4.24 -19.45 18.83
CA HIS A 62 3.62 -18.14 18.76
C HIS A 62 3.09 -17.72 17.37
N SER A 63 3.66 -18.28 16.30
CA SER A 63 3.20 -18.00 14.91
C SER A 63 1.76 -18.41 14.65
N ASN A 64 1.22 -19.24 15.58
CA ASN A 64 -0.12 -19.81 15.51
C ASN A 64 -1.18 -18.84 14.98
N GLY A 65 -1.38 -17.72 15.61
CA GLY A 65 -2.15 -16.72 14.84
C GLY A 65 -3.60 -17.07 14.52
N THR A 66 -4.13 -18.04 15.27
CA THR A 66 -5.55 -18.03 15.57
C THR A 66 -5.78 -16.73 16.38
N VAL A 67 -4.80 -15.83 16.35
CA VAL A 67 -4.71 -14.65 17.17
C VAL A 67 -5.25 -13.45 16.34
N LYS A 68 -6.05 -12.59 16.97
CA LYS A 68 -6.80 -11.59 16.25
C LYS A 68 -5.83 -10.74 15.46
N ASP A 69 -6.18 -10.38 14.22
CA ASP A 69 -5.44 -9.39 13.42
C ASP A 69 -5.17 -8.21 14.32
N ARG A 70 -6.24 -7.66 14.86
CA ARG A 70 -6.17 -6.45 15.61
C ARG A 70 -5.95 -6.72 17.13
N SER A 71 -4.75 -7.23 17.44
CA SER A 71 -4.33 -7.62 18.79
C SER A 71 -3.53 -6.52 19.50
N PRO A 72 -3.33 -6.69 20.82
CA PRO A 72 -2.52 -5.76 21.64
C PRO A 72 -1.03 -5.90 21.35
N PHE A 73 -0.63 -6.97 20.69
CA PHE A 73 0.77 -7.28 20.42
C PHE A 73 1.29 -6.63 19.14
N ARG A 74 0.38 -6.21 18.25
CA ARG A 74 0.75 -5.85 16.91
C ARG A 74 1.53 -4.49 16.97
N THR A 75 2.69 -4.46 16.31
CA THR A 75 3.57 -3.29 16.29
C THR A 75 4.01 -3.13 14.86
N LEU A 76 4.29 -1.88 14.54
CA LEU A 76 4.87 -1.48 13.29
C LEU A 76 6.37 -1.38 13.55
N MET A 77 7.10 -2.07 12.68
CA MET A 77 8.54 -2.08 12.70
C MET A 77 9.13 -1.83 11.28
N SER A 78 10.44 -1.65 11.19
CA SER A 78 11.05 -1.46 9.84
C SER A 78 12.49 -2.01 9.71
N VAL A 79 12.83 -2.42 8.49
CA VAL A 79 14.21 -2.67 8.11
C VAL A 79 14.53 -1.94 6.80
N GLU A 80 15.79 -1.98 6.37
CA GLU A 80 16.19 -1.35 5.08
C GLU A 80 15.65 -2.17 3.90
N VAL A 81 15.32 -1.54 2.76
CA VAL A 81 14.72 -2.33 1.69
C VAL A 81 15.52 -3.55 1.34
N GLY A 82 14.80 -4.66 1.11
CA GLY A 82 15.50 -5.87 0.75
C GLY A 82 15.95 -6.73 1.90
N GLN A 83 16.02 -6.18 3.10
CA GLN A 83 16.41 -6.99 4.25
C GLN A 83 15.17 -7.77 4.64
N SER A 84 15.36 -8.98 5.19
CA SER A 84 14.25 -9.67 5.75
C SER A 84 13.69 -8.93 7.02
N PRO A 85 12.40 -9.13 7.38
CA PRO A 85 11.95 -8.65 8.69
C PRO A 85 12.45 -9.53 9.86
N ASN A 86 13.77 -9.55 9.99
CA ASN A 86 14.41 -10.29 11.05
C ASN A 86 14.54 -9.41 12.29
N VAL A 87 14.55 -10.10 13.43
CA VAL A 87 14.60 -9.42 14.74
C VAL A 87 15.82 -8.48 14.87
N TYR A 88 16.98 -8.90 14.36
CA TYR A 88 18.20 -8.23 14.85
C TYR A 88 18.62 -6.94 14.10
N GLN A 89 17.80 -6.73 12.80
CA GLN A 89 17.97 -5.54 12.04
C GLN A 89 16.74 -4.65 12.13
N ALA A 90 15.79 -5.00 12.98
CA ALA A 90 14.53 -4.27 12.95
C ALA A 90 14.58 -3.05 13.88
N ARG A 91 14.05 -1.94 13.37
CA ARG A 91 13.91 -0.67 14.11
C ARG A 91 12.44 -0.64 14.59
N PHE A 92 12.16 -0.45 15.89
CA PHE A 92 10.77 -0.29 16.30
C PHE A 92 10.18 1.04 15.85
N GLU A 93 8.94 1.00 15.38
CA GLU A 93 8.25 2.22 14.89
C GLU A 93 7.07 2.67 15.72
N ALA A 94 6.05 1.84 15.85
CA ALA A 94 4.82 2.24 16.56
C ALA A 94 4.12 1.00 17.08
N VAL A 95 3.31 1.13 18.13
CA VAL A 95 2.28 0.10 18.46
C VAL A 95 1.12 0.24 17.42
N ALA A 96 0.73 -0.84 16.71
CA ALA A 96 -0.11 -0.67 15.46
C ALA A 96 -0.67 -1.90 14.83
N TRP A 97 -1.92 -1.84 14.41
CA TRP A 97 -2.48 -2.93 13.63
C TRP A 97 -2.95 -2.28 12.32
N SER A 98 -2.62 -1.01 12.13
CA SER A 98 -2.82 -0.30 10.91
C SER A 98 -1.79 0.90 10.89
N ALA A 99 -1.10 1.14 9.77
CA ALA A 99 0.01 2.12 9.69
C ALA A 99 0.19 2.81 8.38
N THR A 100 0.87 3.95 8.46
CA THR A 100 1.39 4.60 7.29
C THR A 100 2.73 5.20 7.78
N ALA A 101 3.74 5.26 6.91
CA ALA A 101 4.99 5.94 7.26
C ALA A 101 5.49 6.81 6.14
N CYS A 102 6.20 7.86 6.49
CA CYS A 102 6.84 8.66 5.45
C CYS A 102 7.83 9.68 6.03
N HIS A 103 8.73 10.19 5.19
CA HIS A 103 9.85 11.01 5.64
C HIS A 103 9.72 12.37 4.93
N ASP A 104 9.98 13.47 5.64
CA ASP A 104 9.78 14.80 5.04
C ASP A 104 11.03 15.41 4.51
N GLY A 105 12.10 14.60 4.49
CA GLY A 105 13.45 15.09 4.23
C GLY A 105 14.29 15.38 5.47
N LYS A 106 13.65 15.60 6.63
CA LYS A 106 14.41 15.69 7.91
C LYS A 106 14.22 14.43 8.81
N LYS A 107 12.97 14.11 9.19
CA LYS A 107 12.70 12.89 10.04
C LYS A 107 11.62 12.02 9.45
N TRP A 108 11.56 10.81 10.00
CA TRP A 108 10.52 9.85 9.66
C TRP A 108 9.26 10.19 10.42
N MET A 109 8.13 10.22 9.71
CA MET A 109 6.84 10.31 10.40
C MET A 109 6.14 8.94 10.30
N THR A 110 5.65 8.43 11.40
CA THR A 110 4.84 7.22 11.31
C THR A 110 3.52 7.49 12.06
N VAL A 111 2.45 6.83 11.61
CA VAL A 111 1.14 6.73 12.31
C VAL A 111 0.76 5.24 12.57
N GLY A 112 0.56 4.84 13.83
CA GLY A 112 0.02 3.50 14.11
C GLY A 112 -1.27 3.57 14.87
N VAL A 113 -2.29 2.86 14.34
CA VAL A 113 -3.59 2.77 14.98
C VAL A 113 -3.68 1.51 15.83
N THR A 114 -3.99 1.73 17.09
CA THR A 114 -4.13 0.62 17.99
C THR A 114 -5.24 0.97 18.94
N GLY A 115 -5.54 0.05 19.86
CA GLY A 115 -6.61 0.26 20.80
C GLY A 115 -7.87 -0.57 20.44
N PRO A 116 -9.02 -0.32 21.13
CA PRO A 116 -10.24 -1.10 20.90
C PRO A 116 -10.91 -0.72 19.60
N ASP A 117 -11.64 -1.67 19.00
CA ASP A 117 -12.32 -1.38 17.69
C ASP A 117 -13.25 -0.16 17.81
N SER A 118 -13.87 -0.07 18.99
CA SER A 118 -14.87 0.94 19.25
C SER A 118 -14.33 2.38 19.44
N LYS A 119 -13.02 2.57 19.67
CA LYS A 119 -12.46 3.91 19.98
C LYS A 119 -10.92 3.86 19.87
N ALA A 120 -10.42 3.50 18.68
CA ALA A 120 -9.04 3.17 18.55
C ALA A 120 -8.32 4.51 18.49
N VAL A 121 -7.06 4.53 18.78
CA VAL A 121 -6.33 5.78 18.79
C VAL A 121 -5.23 5.52 17.73
N ALA A 122 -4.96 6.56 16.95
CA ALA A 122 -3.84 6.60 16.01
C ALA A 122 -2.84 7.50 16.70
N VAL A 123 -1.61 7.06 16.89
CA VAL A 123 -0.52 7.88 17.45
C VAL A 123 0.43 8.16 16.31
N ILE A 124 0.65 9.44 16.11
CA ILE A 124 1.64 9.89 15.17
C ILE A 124 3.03 9.98 15.85
N HIS A 125 4.04 9.28 15.29
CA HIS A 125 5.45 9.49 15.74
C HIS A 125 6.29 10.39 14.78
N TYR A 126 7.22 11.09 15.36
CA TYR A 126 8.11 11.95 14.54
C TYR A 126 9.49 11.93 15.17
N GLY A 127 10.44 11.40 14.45
CA GLY A 127 11.79 11.27 14.95
C GLY A 127 11.94 10.21 16.00
N GLY A 128 11.10 9.18 15.94
CA GLY A 128 11.15 8.07 16.87
C GLY A 128 10.44 8.37 18.19
N VAL A 129 9.47 9.28 18.17
CA VAL A 129 8.71 9.63 19.39
C VAL A 129 7.21 10.01 19.18
N PRO A 130 6.32 9.70 20.15
CA PRO A 130 4.96 10.23 20.03
C PRO A 130 4.94 11.76 19.96
N THR A 131 4.33 12.29 18.91
CA THR A 131 4.15 13.73 18.82
C THR A 131 2.67 14.15 18.77
N ASP A 132 1.71 13.28 18.45
CA ASP A 132 0.26 13.69 18.30
C ASP A 132 -0.63 12.47 18.13
N VAL A 133 -1.94 12.67 18.25
CA VAL A 133 -2.87 11.58 18.34
C VAL A 133 -4.10 11.95 17.52
N VAL A 134 -4.84 10.94 17.07
CA VAL A 134 -6.17 11.10 16.45
C VAL A 134 -6.98 9.99 17.07
N ASN A 135 -8.04 10.28 17.84
CA ASN A 135 -8.96 9.16 18.21
C ASN A 135 -10.01 8.78 17.17
N SER A 136 -10.61 7.58 17.27
CA SER A 136 -11.67 7.20 16.37
C SER A 136 -12.70 8.29 16.35
N TRP A 137 -13.18 8.67 15.15
CA TRP A 137 -14.27 9.67 15.05
C TRP A 137 -15.64 9.04 14.82
N ALA A 138 -15.69 7.75 14.51
CA ALA A 138 -16.99 7.15 14.23
C ALA A 138 -17.10 5.82 14.95
N GLY A 139 -16.07 5.50 15.74
CA GLY A 139 -16.04 4.33 16.60
C GLY A 139 -16.24 2.99 15.88
N ASP A 140 -15.67 2.87 14.69
CA ASP A 140 -15.70 1.66 13.90
C ASP A 140 -14.38 1.38 13.11
N ILE A 141 -13.39 0.86 13.83
CA ILE A 141 -12.06 0.45 13.33
C ILE A 141 -11.39 1.57 12.57
N LEU A 142 -11.10 2.67 13.23
CA LEU A 142 -10.23 3.71 12.67
C LEU A 142 -9.04 2.99 12.03
N ARG A 143 -8.76 3.31 10.74
CA ARG A 143 -7.68 2.65 10.00
C ARG A 143 -7.11 3.50 8.85
N THR A 144 -5.97 3.03 8.27
CA THR A 144 -5.24 3.86 7.31
C THR A 144 -4.68 3.09 6.11
N GLN A 145 -3.64 3.64 5.49
CA GLN A 145 -3.19 3.25 4.20
C GLN A 145 -2.56 1.88 4.06
N GLU A 146 -1.76 1.48 5.05
CA GLU A 146 -0.86 0.32 4.97
C GLU A 146 0.10 0.46 3.82
N SER A 147 0.54 1.70 3.57
CA SER A 147 1.60 2.04 2.64
C SER A 147 2.13 3.47 2.95
N SER A 148 3.05 3.92 2.08
CA SER A 148 3.74 5.19 2.29
C SER A 148 2.78 6.41 2.23
N CYS A 149 2.70 7.18 3.31
CA CYS A 149 2.06 8.51 3.22
C CYS A 149 2.99 9.34 2.38
N THR A 150 2.73 10.66 2.33
CA THR A 150 3.29 11.49 1.27
C THR A 150 3.66 12.86 1.77
N CYS A 151 4.95 13.18 1.72
CA CYS A 151 5.38 14.52 2.19
C CYS A 151 5.76 15.37 1.00
N ILE A 152 5.30 16.64 1.02
CA ILE A 152 5.52 17.61 -0.09
C ILE A 152 5.90 18.89 0.65
N GLN A 153 7.17 19.28 0.51
CA GLN A 153 7.71 20.55 1.06
C GLN A 153 7.50 20.64 2.56
N GLY A 154 7.54 19.49 3.21
CA GLY A 154 7.56 19.45 4.66
C GLY A 154 6.23 19.23 5.33
N ASP A 155 5.16 19.08 4.54
CA ASP A 155 3.85 18.81 5.13
C ASP A 155 3.43 17.42 4.73
N CYS A 156 2.91 16.61 5.61
CA CYS A 156 2.76 15.18 5.24
C CYS A 156 1.32 14.85 5.24
N TYR A 157 0.92 14.00 4.27
CA TYR A 157 -0.47 13.76 3.95
C TYR A 157 -0.84 12.30 3.94
N TRP A 158 -2.02 12.03 4.50
CA TRP A 158 -2.56 10.66 4.53
C TRP A 158 -4.05 10.61 4.70
N VAL A 159 -4.59 9.41 4.47
CA VAL A 159 -5.99 9.16 4.34
C VAL A 159 -6.35 8.04 5.31
N MET A 160 -7.48 8.20 6.01
CA MET A 160 -7.97 7.25 6.95
C MET A 160 -9.44 7.09 6.68
N THR A 161 -9.92 5.92 7.06
CA THR A 161 -11.30 5.56 7.06
C THR A 161 -11.76 5.17 8.48
N ASP A 162 -13.04 5.40 8.78
CA ASP A 162 -13.65 4.94 10.08
C ASP A 162 -15.10 4.58 9.79
N GLY A 163 -15.45 3.29 9.94
CA GLY A 163 -16.77 2.86 9.45
C GLY A 163 -16.80 1.40 8.99
N PRO A 164 -17.98 0.92 8.56
CA PRO A 164 -18.08 -0.51 8.29
C PRO A 164 -17.16 -0.91 7.13
N ALA A 165 -16.60 -2.11 7.20
CA ALA A 165 -15.90 -2.81 6.06
C ALA A 165 -16.73 -2.78 4.76
N ASN A 166 -18.05 -2.64 4.92
CA ASN A 166 -18.96 -2.84 3.81
C ASN A 166 -19.74 -1.57 3.47
N ARG A 167 -21.02 -1.48 3.72
CA ARG A 167 -21.73 -0.20 3.56
C ARG A 167 -20.90 1.13 3.67
N GLN A 168 -21.59 2.26 3.72
CA GLN A 168 -20.97 3.56 3.74
C GLN A 168 -20.19 3.68 5.05
N ALA A 169 -18.97 4.25 4.94
CA ALA A 169 -18.05 4.53 6.03
C ALA A 169 -17.77 5.98 5.80
N GLN A 170 -16.81 6.50 6.56
CA GLN A 170 -16.35 7.89 6.49
C GLN A 170 -14.88 7.91 6.32
N TYR A 171 -14.41 8.96 5.66
CA TYR A 171 -13.05 8.98 5.17
C TYR A 171 -12.53 10.39 5.43
N ARG A 172 -11.28 10.50 5.90
CA ARG A 172 -10.65 11.82 6.10
C ARG A 172 -9.26 11.81 5.57
N ILE A 173 -8.87 13.00 5.14
CA ILE A 173 -7.49 13.44 4.84
C ILE A 173 -6.93 14.23 6.02
N TYR A 174 -5.67 13.97 6.33
CA TYR A 174 -4.99 14.54 7.45
C TYR A 174 -3.68 15.14 7.01
N LYS A 175 -3.33 16.28 7.56
CA LYS A 175 -2.10 16.98 7.16
C LYS A 175 -1.24 17.23 8.38
N ALA A 176 0.09 17.17 8.24
CA ALA A 176 1.00 17.29 9.40
C ALA A 176 2.31 18.01 9.05
N ASN A 177 2.87 18.72 10.01
CA ASN A 177 4.21 19.21 9.89
C ASN A 177 4.94 18.85 11.19
N GLN A 178 6.14 18.30 11.08
CA GLN A 178 6.93 17.85 12.23
C GLN A 178 6.16 16.99 13.24
N GLY A 179 5.20 16.26 12.73
CA GLY A 179 4.45 15.31 13.52
C GLY A 179 3.24 15.84 14.24
N ARG A 180 2.89 17.10 13.98
CA ARG A 180 1.78 17.81 14.60
C ARG A 180 0.65 17.96 13.57
N ILE A 181 -0.56 17.56 13.89
CA ILE A 181 -1.63 17.64 12.87
C ILE A 181 -1.93 19.09 12.56
N ILE A 182 -1.75 19.58 11.33
CA ILE A 182 -2.03 20.99 10.98
C ILE A 182 -3.31 21.22 10.15
N GLY A 183 -3.99 20.14 9.73
CA GLY A 183 -5.21 20.28 8.94
C GLY A 183 -5.87 18.91 8.83
N GLN A 184 -7.15 18.90 8.52
CA GLN A 184 -7.92 17.72 8.20
C GLN A 184 -9.12 18.08 7.33
N THR A 185 -9.70 17.07 6.66
CA THR A 185 -10.78 17.23 5.69
C THR A 185 -11.58 15.94 5.66
N ASP A 186 -12.92 16.05 5.67
CA ASP A 186 -13.79 14.91 5.39
C ASP A 186 -13.97 14.85 3.92
N ILE A 187 -14.02 13.62 3.43
CA ILE A 187 -14.09 13.35 2.00
C ILE A 187 -15.52 13.01 1.70
N SER A 188 -16.13 13.82 0.86
CA SER A 188 -17.49 13.58 0.44
C SER A 188 -17.61 12.50 -0.64
N PHE A 189 -18.25 11.39 -0.32
CA PHE A 189 -18.18 10.25 -1.20
C PHE A 189 -19.35 9.29 -0.98
N ASN A 190 -20.62 9.76 -1.07
CA ASN A 190 -21.78 8.88 -0.83
C ASN A 190 -21.97 7.84 -1.91
N GLY A 191 -22.22 6.59 -1.52
CA GLY A 191 -22.29 5.55 -2.48
C GLY A 191 -20.90 4.96 -2.70
N GLY A 192 -19.86 5.74 -2.35
CA GLY A 192 -18.49 5.31 -2.51
C GLY A 192 -17.79 4.91 -1.24
N HIS A 193 -16.65 4.25 -1.44
CA HIS A 193 -15.93 3.56 -0.38
C HIS A 193 -14.38 3.67 -0.59
N ILE A 194 -13.70 4.11 0.48
CA ILE A 194 -12.28 4.26 0.50
C ILE A 194 -11.60 3.58 1.67
N GLU A 195 -10.56 2.80 1.35
CA GLU A 195 -9.74 2.11 2.30
C GLU A 195 -8.35 1.96 1.71
N GLU A 196 -7.36 1.81 2.59
CA GLU A 196 -6.00 1.36 2.20
C GLU A 196 -5.40 2.13 1.03
N CYS A 197 -5.44 3.44 1.09
CA CYS A 197 -5.07 4.17 -0.14
C CYS A 197 -3.59 3.94 -0.52
N SER A 198 -3.32 3.82 -1.79
CA SER A 198 -1.89 3.79 -2.24
C SER A 198 -1.59 5.15 -2.87
N CYS A 199 -0.74 5.94 -2.24
CA CYS A 199 -0.52 7.31 -2.72
C CYS A 199 0.90 7.61 -3.15
N TYR A 200 1.12 8.77 -3.83
CA TYR A 200 2.47 9.16 -4.25
C TYR A 200 2.29 10.65 -4.60
N PRO A 201 3.38 11.44 -4.63
CA PRO A 201 3.34 12.83 -5.17
C PRO A 201 3.36 12.99 -6.71
N ASN A 202 2.64 13.96 -7.26
CA ASN A 202 2.66 14.20 -8.69
C ASN A 202 2.26 15.65 -8.91
N ASP A 203 3.21 16.48 -9.32
CA ASP A 203 2.91 17.88 -9.66
C ASP A 203 2.49 18.70 -8.46
N GLY A 204 3.17 18.56 -7.32
CA GLY A 204 2.76 19.31 -6.13
C GLY A 204 1.42 18.95 -5.48
N LYS A 205 0.77 17.89 -5.95
CA LYS A 205 -0.43 17.30 -5.30
C LYS A 205 -0.21 15.87 -4.91
N VAL A 206 -1.09 15.38 -4.04
CA VAL A 206 -1.06 13.97 -3.63
C VAL A 206 -2.17 13.21 -4.37
N GLU A 207 -1.82 12.11 -5.10
CA GLU A 207 -2.78 11.25 -5.82
C GLU A 207 -2.81 9.89 -5.11
N CYS A 208 -3.97 9.30 -5.00
CA CYS A 208 -4.09 7.99 -4.37
C CYS A 208 -5.02 7.19 -5.20
N VAL A 209 -4.84 5.84 -5.12
CA VAL A 209 -5.57 4.81 -5.81
C VAL A 209 -5.85 3.80 -4.72
N CYS A 210 -7.15 3.61 -4.44
CA CYS A 210 -7.54 3.08 -3.15
C CYS A 210 -8.34 1.81 -3.35
N ARG A 211 -8.91 1.34 -2.25
CA ARG A 211 -9.67 0.13 -2.26
C ARG A 211 -11.12 0.44 -1.87
N ASP A 212 -12.07 0.08 -2.75
CA ASP A 212 -13.48 0.18 -2.40
C ASP A 212 -13.86 -1.22 -1.95
N ASN A 213 -14.27 -1.35 -0.69
CA ASN A 213 -14.60 -2.67 -0.16
C ASN A 213 -16.11 -3.07 -0.16
N TRP A 214 -16.92 -2.16 -0.67
CA TRP A 214 -18.39 -2.21 -0.59
C TRP A 214 -18.94 -2.84 -1.88
N THR A 215 -18.80 -2.15 -3.01
CA THR A 215 -19.42 -2.60 -4.25
C THR A 215 -18.57 -2.44 -5.54
N GLY A 216 -17.40 -1.81 -5.39
CA GLY A 216 -16.60 -1.43 -6.52
C GLY A 216 -15.51 -2.40 -6.83
N THR A 217 -15.44 -2.80 -8.11
CA THR A 217 -14.27 -3.53 -8.58
C THR A 217 -13.34 -2.60 -9.36
N ASN A 218 -13.76 -1.34 -9.59
CA ASN A 218 -12.79 -0.26 -9.87
C ASN A 218 -12.25 0.36 -8.60
N ARG A 219 -11.08 0.98 -8.70
CA ARG A 219 -10.50 1.49 -7.49
C ARG A 219 -10.74 2.98 -7.47
N PRO A 220 -11.03 3.56 -6.28
CA PRO A 220 -11.24 4.98 -6.18
C PRO A 220 -9.95 5.68 -6.38
N VAL A 221 -10.04 6.98 -6.63
CA VAL A 221 -8.91 7.80 -6.93
C VAL A 221 -9.18 9.10 -6.19
N LEU A 222 -8.16 9.60 -5.47
CA LEU A 222 -8.17 10.95 -4.87
C LEU A 222 -7.02 11.84 -5.34
N VAL A 223 -7.28 13.14 -5.46
CA VAL A 223 -6.23 14.12 -5.75
C VAL A 223 -6.31 15.25 -4.72
N ILE A 224 -5.33 15.28 -3.83
CA ILE A 224 -5.43 16.12 -2.65
C ILE A 224 -4.47 17.25 -2.89
N SER A 225 -5.00 18.47 -2.77
CA SER A 225 -4.15 19.64 -2.96
C SER A 225 -3.68 19.94 -1.58
N PRO A 226 -2.40 21.00 -1.69
CA PRO A 226 -1.84 21.30 -0.22
C PRO A 226 -2.82 21.79 0.74
N ASP A 227 -3.78 22.53 0.24
CA ASP A 227 -4.86 23.14 1.08
C ASP A 227 -5.56 22.01 1.68
N LEU A 228 -6.00 21.02 1.16
CA LEU A 228 -7.00 20.01 1.51
C LEU A 228 -8.27 20.01 0.68
N SER A 229 -8.41 20.93 -0.25
CA SER A 229 -9.37 20.71 -1.39
C SER A 229 -8.91 19.43 -2.12
N TYR A 230 -9.84 18.70 -2.74
CA TYR A 230 -9.53 17.40 -3.39
C TYR A 230 -10.54 17.17 -4.54
N ARG A 231 -10.18 16.36 -5.52
CA ARG A 231 -11.24 15.72 -6.33
C ARG A 231 -11.17 14.25 -5.97
N VAL A 232 -12.33 13.59 -5.97
CA VAL A 232 -12.46 12.17 -5.66
C VAL A 232 -13.30 11.55 -6.78
N GLY A 233 -13.10 10.26 -7.06
CA GLY A 233 -13.86 9.60 -8.12
C GLY A 233 -13.46 8.14 -8.19
N TYR A 234 -13.53 7.56 -9.38
CA TYR A 234 -12.94 6.25 -9.63
C TYR A 234 -11.98 6.32 -10.78
N LEU A 235 -11.07 5.37 -10.78
CA LEU A 235 -10.06 5.31 -11.78
C LEU A 235 -10.81 5.06 -13.06
N CYS A 236 -10.63 5.97 -14.02
CA CYS A 236 -11.52 6.01 -15.21
C CYS A 236 -11.58 4.71 -16.02
N ALA A 237 -10.41 4.10 -16.21
CA ALA A 237 -10.20 3.01 -17.13
C ALA A 237 -11.27 1.92 -17.08
N GLY A 238 -11.53 1.33 -18.27
CA GLY A 238 -12.59 0.33 -18.54
C GLY A 238 -12.12 -1.08 -18.25
N ILE A 239 -11.19 -1.17 -17.32
CA ILE A 239 -10.63 -2.40 -16.85
C ILE A 239 -10.63 -2.41 -15.28
N PRO A 240 -11.24 -3.42 -14.67
CA PRO A 240 -11.31 -3.53 -13.21
C PRO A 240 -9.92 -3.99 -12.60
N SER A 241 -9.49 -3.36 -11.49
CA SER A 241 -8.21 -3.69 -10.88
C SER A 241 -8.25 -4.23 -9.42
N ASP A 242 -9.46 -4.33 -8.86
CA ASP A 242 -9.65 -4.94 -7.53
C ASP A 242 -9.64 -6.46 -7.64
N THR A 243 -9.73 -7.08 -6.49
CA THR A 243 -9.81 -8.53 -6.37
C THR A 243 -10.70 -8.76 -5.13
N PRO A 244 -11.89 -9.44 -5.29
CA PRO A 244 -12.36 -10.08 -6.53
C PRO A 244 -12.91 -9.06 -7.49
N ARG A 245 -13.01 -9.51 -8.74
CA ARG A 245 -13.48 -8.70 -9.84
C ARG A 245 -14.10 -9.62 -10.93
N GLY A 246 -14.91 -9.07 -11.84
CA GLY A 246 -15.42 -9.91 -12.93
C GLY A 246 -14.46 -9.83 -14.12
N GLU A 247 -14.89 -10.32 -15.28
CA GLU A 247 -14.10 -10.27 -16.52
C GLU A 247 -13.83 -8.83 -17.00
N ASP A 248 -12.79 -8.62 -17.81
CA ASP A 248 -12.57 -7.27 -18.37
C ASP A 248 -13.71 -6.98 -19.36
N THR A 249 -14.06 -8.01 -20.14
CA THR A 249 -15.01 -7.82 -21.21
C THR A 249 -16.45 -7.55 -20.73
N GLN A 250 -16.71 -7.95 -19.40
CA GLN A 250 -18.00 -7.72 -18.74
C GLN A 250 -18.07 -6.45 -17.95
N PHE A 251 -17.09 -5.58 -18.03
CA PHE A 251 -17.04 -4.32 -17.32
C PHE A 251 -17.01 -3.11 -18.27
N THR A 252 -17.74 -2.09 -18.14
CA THR A 252 -17.57 -0.66 -18.47
C THR A 252 -17.06 0.14 -17.26
N GLY A 253 -16.14 1.05 -17.56
CA GLY A 253 -15.47 1.82 -16.52
C GLY A 253 -16.09 3.19 -16.34
N SER A 254 -15.80 3.82 -15.19
CA SER A 254 -16.42 5.07 -14.78
C SER A 254 -15.45 5.80 -13.95
N CYS A 255 -15.35 7.10 -14.23
CA CYS A 255 -14.59 8.09 -13.47
C CYS A 255 -15.23 8.60 -12.18
N THR A 256 -16.50 8.28 -11.94
CA THR A 256 -17.24 8.91 -10.81
C THR A 256 -17.89 7.87 -9.84
N SER A 257 -18.13 6.64 -10.30
CA SER A 257 -18.79 5.62 -9.46
C SER A 257 -18.26 4.16 -9.46
N PRO A 258 -18.54 3.43 -8.36
CA PRO A 258 -18.17 2.03 -8.38
C PRO A 258 -18.90 1.36 -9.52
N MET A 259 -18.21 0.45 -10.21
CA MET A 259 -18.87 -0.44 -11.17
C MET A 259 -18.38 -1.81 -10.76
N GLY A 260 -18.68 -2.88 -10.46
CA GLY A 260 -18.97 -4.31 -10.40
C GLY A 260 -19.79 -4.65 -9.16
N ASN A 261 -20.51 -5.75 -9.27
CA ASN A 261 -21.36 -6.26 -8.17
C ASN A 261 -20.54 -7.18 -7.26
N GLN A 262 -19.46 -6.61 -6.74
CA GLN A 262 -18.58 -7.38 -5.86
C GLN A 262 -18.52 -6.71 -4.48
N GLY A 263 -18.58 -7.25 -3.42
CA GLY A 263 -18.02 -6.75 -2.20
C GLY A 263 -16.54 -7.12 -2.15
N TYR A 264 -15.92 -6.83 -1.00
CA TYR A 264 -14.53 -7.19 -0.69
C TYR A 264 -13.49 -6.44 -1.54
N GLY A 265 -12.24 -6.88 -1.54
CA GLY A 265 -11.18 -6.02 -2.08
C GLY A 265 -9.79 -6.52 -1.73
N VAL A 266 -8.78 -5.77 -2.23
CA VAL A 266 -7.39 -5.94 -1.86
C VAL A 266 -6.76 -4.59 -2.02
N LYS A 267 -5.78 -4.29 -1.15
CA LYS A 267 -4.97 -3.10 -1.39
C LYS A 267 -4.22 -3.37 -2.72
N GLY A 268 -4.20 -2.33 -3.53
CA GLY A 268 -3.40 -2.27 -4.74
C GLY A 268 -3.12 -0.79 -5.04
N PHE A 269 -2.62 -0.51 -6.23
CA PHE A 269 -2.10 0.83 -6.56
C PHE A 269 -2.25 1.18 -8.06
N GLY A 270 -1.84 2.40 -8.43
CA GLY A 270 -1.88 2.78 -9.77
C GLY A 270 -1.05 4.05 -9.80
N PHE A 271 -0.48 4.33 -10.97
CA PHE A 271 0.27 5.57 -11.19
C PHE A 271 -0.24 6.39 -12.41
N ARG A 272 -0.69 7.63 -12.19
CA ARG A 272 -0.87 8.52 -13.32
C ARG A 272 0.38 8.63 -14.21
N GLN A 273 0.18 8.68 -15.53
CA GLN A 273 1.25 8.81 -16.51
C GLN A 273 0.76 9.79 -17.55
N GLY A 274 0.80 11.06 -17.21
CA GLY A 274 0.12 12.08 -17.97
C GLY A 274 -1.39 11.88 -17.96
N THR A 275 -1.89 11.33 -19.05
CA THR A 275 -3.29 11.05 -19.16
C THR A 275 -3.50 9.54 -19.07
N ASP A 276 -2.38 8.81 -19.22
CA ASP A 276 -2.37 7.34 -19.17
C ASP A 276 -2.42 6.81 -17.71
N VAL A 277 -2.45 5.50 -17.50
CA VAL A 277 -2.27 4.98 -16.15
C VAL A 277 -1.60 3.65 -16.25
N TRP A 278 -0.74 3.37 -15.27
CA TRP A 278 -0.24 2.06 -14.93
C TRP A 278 -1.12 1.55 -13.76
N MET A 279 -1.71 0.38 -13.97
CA MET A 279 -2.55 -0.24 -12.99
C MET A 279 -2.05 -1.62 -12.62
N GLY A 280 -1.92 -1.84 -11.31
CA GLY A 280 -1.57 -3.13 -10.76
C GLY A 280 -2.79 -4.02 -10.52
N ARG A 281 -2.58 -5.32 -10.64
CA ARG A 281 -3.63 -6.24 -10.24
C ARG A 281 -3.08 -7.64 -10.15
N THR A 282 -3.75 -8.43 -9.32
CA THR A 282 -3.65 -9.89 -9.27
C THR A 282 -4.10 -10.50 -10.63
N ILE A 283 -3.38 -11.49 -11.14
CA ILE A 283 -3.73 -12.07 -12.44
C ILE A 283 -5.06 -12.81 -12.28
N SER A 284 -5.26 -13.40 -11.11
CA SER A 284 -6.51 -14.05 -10.79
C SER A 284 -7.61 -13.03 -10.56
N ARG A 285 -8.80 -13.31 -11.09
CA ARG A 285 -10.00 -12.51 -10.75
C ARG A 285 -10.62 -12.80 -9.35
N THR A 286 -10.27 -13.94 -8.78
CA THR A 286 -10.94 -14.45 -7.58
C THR A 286 -10.00 -14.57 -6.39
N SER A 287 -8.76 -14.96 -6.66
CA SER A 287 -7.74 -15.21 -5.67
C SER A 287 -6.62 -14.14 -5.72
N ARG A 288 -5.88 -14.02 -4.61
CA ARG A 288 -4.79 -13.10 -4.49
C ARG A 288 -3.58 -13.89 -4.90
N SER A 289 -3.53 -14.16 -6.19
CA SER A 289 -2.43 -14.92 -6.73
C SER A 289 -2.04 -14.34 -8.09
N GLY A 290 -0.76 -14.43 -8.43
CA GLY A 290 -0.21 -13.87 -9.67
C GLY A 290 -0.22 -12.38 -9.47
N PHE A 291 0.67 -11.63 -10.14
CA PHE A 291 0.66 -10.15 -10.15
C PHE A 291 1.17 -9.54 -11.46
N GLU A 292 0.40 -8.58 -11.98
CA GLU A 292 0.63 -7.98 -13.27
C GLU A 292 0.38 -6.50 -13.18
N ILE A 293 1.13 -5.76 -13.99
CA ILE A 293 0.99 -4.32 -14.14
C ILE A 293 0.63 -4.00 -15.63
N LEU A 294 -0.46 -3.25 -15.85
CA LEU A 294 -0.88 -2.90 -17.18
C LEU A 294 -0.82 -1.39 -17.34
N ARG A 295 -0.34 -0.97 -18.50
CA ARG A 295 -0.51 0.45 -18.90
C ARG A 295 -1.70 0.69 -19.85
N ILE A 296 -2.73 1.41 -19.38
CA ILE A 296 -3.90 1.76 -20.21
C ILE A 296 -3.80 3.17 -20.82
N LYS A 297 -3.97 3.28 -22.13
CA LYS A 297 -3.86 4.60 -22.80
C LYS A 297 -5.06 5.48 -22.44
N ASN A 298 -4.82 6.65 -21.89
CA ASN A 298 -5.92 7.50 -21.48
C ASN A 298 -6.71 6.97 -20.28
N GLY A 299 -6.10 6.07 -19.54
CA GLY A 299 -6.79 5.34 -18.49
C GLY A 299 -7.13 6.14 -17.24
N TRP A 300 -6.38 7.22 -17.02
CA TRP A 300 -6.59 8.14 -15.88
C TRP A 300 -7.75 9.09 -16.14
N THR A 301 -7.86 9.58 -17.38
CA THR A 301 -8.83 10.62 -17.68
C THR A 301 -10.05 10.11 -18.48
N GLN A 302 -10.06 8.84 -18.91
CA GLN A 302 -11.22 8.32 -19.62
C GLN A 302 -11.40 6.79 -19.58
N THR A 303 -12.54 6.35 -20.08
CA THR A 303 -13.01 4.99 -19.88
C THR A 303 -12.29 3.94 -20.76
N SER A 304 -11.02 4.21 -21.07
CA SER A 304 -10.21 3.38 -21.98
C SER A 304 -10.04 1.87 -21.67
N LYS A 305 -10.08 1.07 -22.72
CA LYS A 305 -9.64 -0.30 -22.66
C LYS A 305 -8.29 -0.45 -23.41
N GLU A 306 -7.71 0.65 -23.88
CA GLU A 306 -6.47 0.54 -24.65
C GLU A 306 -5.24 0.15 -23.76
N GLN A 307 -4.94 -1.15 -23.68
CA GLN A 307 -3.65 -1.65 -23.10
C GLN A 307 -2.39 -1.30 -23.90
N ILE A 308 -1.64 -0.31 -23.44
CA ILE A 308 -0.33 0.09 -24.03
C ILE A 308 0.78 -0.89 -23.70
N ARG A 309 1.03 -1.23 -22.47
CA ARG A 309 1.96 -2.31 -22.06
C ARG A 309 1.31 -3.50 -21.07
N LYS A 310 1.98 -4.78 -20.75
CA LYS A 310 1.69 -5.67 -19.64
C LYS A 310 3.01 -6.22 -19.20
N GLN A 311 3.18 -6.33 -17.89
CA GLN A 311 4.36 -6.93 -17.31
C GLN A 311 3.98 -7.81 -16.12
N VAL A 312 4.38 -9.06 -16.22
CA VAL A 312 4.06 -9.99 -15.20
C VAL A 312 5.30 -9.94 -14.26
N VAL A 313 5.02 -9.91 -12.95
CA VAL A 313 6.07 -9.88 -11.92
C VAL A 313 5.96 -11.00 -10.90
N VAL A 314 4.73 -11.51 -10.78
CA VAL A 314 4.46 -12.79 -10.13
C VAL A 314 3.51 -13.61 -11.05
N ASP A 315 3.91 -14.80 -11.46
CA ASP A 315 3.02 -15.60 -12.32
C ASP A 315 1.76 -16.20 -11.61
N ASN A 316 0.75 -16.59 -12.38
CA ASN A 316 -0.54 -17.03 -11.76
C ASN A 316 -0.52 -18.39 -11.08
N LEU A 317 0.65 -19.05 -11.11
CA LEU A 317 0.95 -20.18 -10.25
C LEU A 317 1.35 -19.82 -8.81
N ASN A 318 1.50 -18.53 -8.51
CA ASN A 318 2.06 -18.18 -7.21
C ASN A 318 1.24 -17.15 -6.41
N TRP A 319 1.27 -17.28 -5.09
CA TRP A 319 0.48 -16.40 -4.25
C TRP A 319 1.07 -14.98 -4.30
N SER A 320 0.15 -14.03 -4.28
CA SER A 320 0.57 -12.64 -4.21
C SER A 320 -0.19 -12.00 -3.03
N GLY A 321 -0.94 -10.90 -3.21
CA GLY A 321 -1.51 -10.21 -2.04
C GLY A 321 -1.55 -8.69 -2.22
N TYR A 322 -1.28 -7.95 -1.12
CA TYR A 322 -1.39 -6.45 -1.08
C TYR A 322 -0.35 -5.87 -1.98
N SER A 323 -0.56 -4.60 -2.42
CA SER A 323 0.46 -3.90 -3.15
C SER A 323 0.30 -2.39 -2.89
N GLY A 324 1.40 -1.65 -2.98
CA GLY A 324 1.33 -0.18 -2.75
C GLY A 324 2.39 0.56 -3.52
N SER A 325 2.17 1.90 -3.65
CA SER A 325 3.09 2.85 -4.27
C SER A 325 4.06 3.60 -3.34
N PHE A 326 5.21 3.89 -3.87
CA PHE A 326 6.07 4.85 -3.26
C PHE A 326 6.80 5.53 -4.40
N THR A 327 7.48 6.61 -4.08
CA THR A 327 8.36 7.20 -5.03
C THR A 327 9.82 7.32 -4.58
N LEU A 328 10.71 7.29 -5.56
CA LEU A 328 12.12 7.57 -5.26
C LEU A 328 12.29 9.06 -5.16
N PRO A 329 12.95 9.53 -4.06
CA PRO A 329 13.33 10.92 -3.98
C PRO A 329 14.34 11.21 -5.11
N VAL A 330 14.34 12.47 -5.54
CA VAL A 330 15.24 13.02 -6.53
C VAL A 330 16.68 12.97 -5.97
N GLU A 331 16.79 13.26 -4.67
CA GLU A 331 18.09 13.17 -3.94
C GLU A 331 18.76 11.76 -4.01
N LEU A 332 18.11 10.67 -4.10
CA LEU A 332 18.55 9.30 -4.46
C LEU A 332 18.41 8.96 -6.08
N SER A 333 17.06 9.21 -6.90
CA SER A 333 17.14 8.83 -8.30
C SER A 333 18.24 9.58 -9.03
N GLY A 334 18.49 10.81 -8.59
CA GLY A 334 19.21 11.81 -9.39
C GLY A 334 18.45 12.32 -10.62
N LYS A 335 17.15 12.06 -10.74
CA LYS A 335 16.36 12.60 -11.89
C LYS A 335 15.67 13.88 -11.51
N ASP A 336 15.04 14.50 -12.50
CA ASP A 336 14.28 15.71 -12.22
C ASP A 336 12.77 15.41 -12.18
N CYS A 337 12.45 14.11 -12.10
CA CYS A 337 11.08 13.62 -11.85
C CYS A 337 11.14 12.54 -10.80
N LEU A 338 9.95 12.17 -10.33
CA LEU A 338 9.77 11.23 -9.26
C LEU A 338 9.51 9.83 -9.81
N VAL A 339 10.51 8.98 -9.67
CA VAL A 339 10.41 7.59 -10.12
C VAL A 339 9.32 6.82 -9.41
N PRO A 340 8.27 6.38 -10.13
CA PRO A 340 7.21 5.57 -9.47
C PRO A 340 7.76 4.19 -9.20
N CYS A 341 7.49 3.63 -7.99
CA CYS A 341 7.86 2.25 -7.59
C CYS A 341 6.72 1.65 -6.82
N PHE A 342 6.71 0.35 -6.69
CA PHE A 342 5.68 -0.30 -5.89
C PHE A 342 6.24 -1.60 -5.37
N TRP A 343 5.53 -2.11 -4.40
CA TRP A 343 5.90 -3.38 -3.81
C TRP A 343 4.70 -4.26 -3.94
N VAL A 344 4.98 -5.55 -3.86
CA VAL A 344 3.97 -6.55 -3.88
C VAL A 344 4.20 -7.55 -2.75
N GLU A 345 3.13 -7.87 -2.01
CA GLU A 345 3.21 -8.72 -0.84
C GLU A 345 2.88 -10.10 -1.33
N MET A 346 3.57 -11.13 -0.86
CA MET A 346 3.28 -12.45 -1.37
C MET A 346 3.01 -13.25 -0.17
N ILE A 347 1.74 -13.62 0.01
CA ILE A 347 1.26 -14.20 1.25
C ILE A 347 1.35 -15.73 1.19
N ARG A 348 1.95 -16.32 2.24
CA ARG A 348 2.04 -17.79 2.45
C ARG A 348 1.31 -18.23 3.71
N GLY A 349 0.94 -19.52 3.73
CA GLY A 349 0.27 -20.08 4.91
C GLY A 349 -1.23 -20.05 4.78
N LYS A 350 -1.92 -20.10 5.92
CA LYS A 350 -3.38 -19.94 5.96
C LYS A 350 -3.82 -18.70 5.21
N PRO A 351 -5.03 -18.73 4.60
CA PRO A 351 -5.89 -19.92 4.53
C PRO A 351 -5.54 -20.81 3.34
N GLU A 352 -4.77 -20.27 2.39
CA GLU A 352 -4.59 -21.03 1.16
C GLU A 352 -3.82 -22.33 1.34
N GLU A 353 -2.90 -22.37 2.34
CA GLU A 353 -2.02 -23.52 2.57
C GLU A 353 -2.24 -24.05 4.02
N LYS A 354 -1.89 -25.28 4.16
CA LYS A 354 -1.92 -26.01 5.44
C LYS A 354 -0.71 -25.49 6.26
N THR A 355 -0.91 -24.70 7.08
CA THR A 355 -0.01 -24.26 8.12
C THR A 355 -0.81 -23.68 9.28
N ILE A 356 -0.23 -23.68 10.46
CA ILE A 356 -0.85 -22.99 11.58
C ILE A 356 -0.79 -21.45 11.43
N TRP A 357 0.02 -20.94 10.49
CA TRP A 357 0.48 -19.55 10.57
C TRP A 357 0.37 -18.84 9.27
N THR A 358 0.63 -17.52 9.25
CA THR A 358 0.48 -16.73 8.02
C THR A 358 1.55 -15.61 8.06
N SER A 359 2.29 -15.50 6.98
CA SER A 359 3.25 -14.41 6.81
C SER A 359 3.28 -14.05 5.33
N SER A 360 4.17 -13.10 4.98
CA SER A 360 4.35 -12.66 3.59
C SER A 360 5.80 -12.29 3.36
N SER A 361 6.25 -12.34 2.12
CA SER A 361 7.52 -11.68 1.77
C SER A 361 7.17 -10.68 0.68
N SER A 362 8.16 -9.92 0.19
CA SER A 362 7.93 -8.91 -0.85
C SER A 362 8.87 -8.95 -2.07
N ILE A 363 8.38 -8.38 -3.15
CA ILE A 363 9.21 -8.00 -4.31
C ILE A 363 8.92 -6.48 -4.52
N VAL A 364 9.99 -5.71 -4.79
CA VAL A 364 9.89 -4.26 -4.94
C VAL A 364 10.35 -3.91 -6.36
N MET A 365 9.65 -2.96 -7.01
CA MET A 365 9.99 -2.59 -8.40
C MET A 365 9.96 -1.09 -8.59
N CYS A 366 10.83 -0.55 -9.44
CA CYS A 366 10.86 0.86 -9.85
C CYS A 366 10.83 1.14 -11.35
N GLY A 367 10.10 2.20 -11.66
CA GLY A 367 9.87 2.79 -12.97
C GLY A 367 10.67 2.52 -14.24
N VAL A 368 11.82 3.14 -14.45
CA VAL A 368 12.66 2.69 -15.64
C VAL A 368 12.22 2.97 -17.12
N ASP A 369 13.19 3.41 -17.93
CA ASP A 369 12.96 3.96 -19.28
C ASP A 369 12.94 2.86 -20.33
N TYR A 370 12.43 1.67 -20.00
CA TYR A 370 12.59 0.50 -20.88
C TYR A 370 11.52 -0.55 -20.64
N GLU A 371 11.21 -1.36 -21.65
CA GLU A 371 10.35 -2.55 -21.48
C GLU A 371 11.04 -3.69 -20.78
N VAL A 372 10.47 -4.11 -19.67
CA VAL A 372 11.04 -5.16 -18.88
C VAL A 372 10.28 -6.47 -19.12
N ALA A 373 11.03 -7.49 -19.58
CA ALA A 373 10.62 -8.89 -19.71
C ALA A 373 9.80 -9.50 -18.53
N ASP A 374 8.71 -10.21 -18.87
CA ASP A 374 7.97 -11.01 -17.89
C ASP A 374 8.80 -12.00 -17.06
N TRP A 375 8.46 -12.11 -15.77
CA TRP A 375 9.02 -13.13 -14.93
C TRP A 375 8.17 -13.34 -13.69
N SER A 376 8.55 -14.30 -12.89
CA SER A 376 7.91 -14.42 -11.62
C SER A 376 8.95 -14.40 -10.52
N TRP A 377 9.08 -13.28 -9.80
CA TRP A 377 9.93 -13.30 -8.58
C TRP A 377 9.06 -13.57 -7.35
N HIS A 378 8.70 -14.84 -7.17
CA HIS A 378 7.75 -15.23 -6.17
C HIS A 378 8.42 -15.66 -4.85
N ASP A 379 7.59 -15.79 -3.81
CA ASP A 379 8.10 -15.92 -2.45
C ASP A 379 9.13 -17.02 -2.33
N GLY A 380 8.73 -18.26 -2.65
CA GLY A 380 9.73 -19.33 -2.69
C GLY A 380 9.94 -20.27 -1.51
N ALA A 381 9.27 -20.05 -0.38
CA ALA A 381 9.52 -20.94 0.76
C ALA A 381 8.81 -22.20 0.42
N ILE A 382 9.18 -23.22 1.17
CA ILE A 382 8.77 -24.61 0.97
C ILE A 382 7.89 -24.99 2.12
N LEU A 383 6.57 -25.03 1.92
CA LEU A 383 5.66 -25.32 3.05
C LEU A 383 5.22 -26.81 3.04
N PRO A 384 4.67 -27.30 4.17
CA PRO A 384 4.56 -26.64 5.49
C PRO A 384 5.97 -26.56 6.15
N PHE A 385 6.08 -25.79 7.23
CA PHE A 385 7.37 -25.60 7.95
C PHE A 385 7.42 -26.64 9.12
N ASP A 386 8.55 -26.78 9.82
CA ASP A 386 8.66 -27.67 11.03
C ASP A 386 7.48 -27.46 12.02
N ILE A 387 7.19 -26.18 12.32
CA ILE A 387 5.95 -25.71 12.96
C ILE A 387 6.21 -24.93 14.26
CAA RP6 B . -3.98 -9.54 7.08
C11 RP6 B . -6.67 -3.67 10.69
O10 RP6 B . -8.73 -4.60 10.17
O1A RP6 B . -8.23 -7.39 3.36
O9 RP6 B . -12.28 -3.17 6.21
O1B RP6 B . -6.94 -9.01 4.21
O8 RP6 B . -10.18 -3.64 4.52
O4 RP6 B . -5.57 -6.35 8.31
O7 RP6 B . -10.51 -5.45 7.41
CAJ RP6 B . -4.94 -8.67 7.11
C9 RP6 B . -12.14 -4.45 5.61
CAL RP6 B . -5.06 -7.76 6.12
N5 RP6 B . -7.47 -3.95 8.36
O6 RP6 B . -8.53 -6.25 5.64
C10 RP6 B . -7.70 -4.09 9.71
C1 RP6 B . -7.41 -7.83 4.21
C3 RP6 B . -6.24 -6.87 6.21
C2 RP6 B . -7.33 -7.02 5.42
C8 RP6 B . -10.67 -4.55 5.33
C4 RP6 B . -6.16 -5.70 7.17
C7 RP6 B . -9.90 -4.93 6.36
C5 RP6 B . -7.59 -5.13 7.52
C6 RP6 B . -8.42 -4.95 6.24
CA CA C . -14.12 -4.26 -4.09
C1 NDG D . -5.61 -22.50 20.10
C2 NDG D . -5.10 -23.92 19.86
C3 NDG D . -6.09 -24.99 20.34
C4 NDG D . -6.78 -24.56 21.64
C5 NDG D . -7.47 -23.20 21.50
C6 NDG D . -7.34 -22.31 22.74
C7 NDG D . -3.86 -24.27 17.78
C8 NDG D . -3.97 -24.31 16.28
O5 NDG D . -7.04 -22.51 20.31
O3 NDG D . -5.41 -26.25 20.56
O4 NDG D . -7.77 -25.55 22.03
O6 NDG D . -6.02 -22.36 23.33
O7 NDG D . -2.80 -24.43 18.37
N2 NDG D . -5.01 -24.03 18.41
O1 NDG D . -5.30 -21.64 18.99
#